data_1ZMN
#
_entry.id   1ZMN
#
_cell.length_a   121.332
_cell.length_b   121.332
_cell.length_c   121.332
_cell.angle_alpha   90.00
_cell.angle_beta   90.00
_cell.angle_gamma   90.00
#
_symmetry.space_group_name_H-M   'I 2 3'
#
loop_
_entity.id
_entity.type
_entity.pdbx_description
1 polymer 'Coagulation factor XI'
2 non-polymer 'SULFATE ION'
3 non-polymer (R)-1-(4-(4-(HYDROXYMETHYL)-1,3,2-DIOXABOROLAN-2-YL)PHENYL)GUANIDINE
4 water water
#
_entity_poly.entity_id   1
_entity_poly.type   'polypeptide(L)'
_entity_poly.pdbx_seq_one_letter_code
;IVGGTASVRGEWPWQVTLHTTSPTQRHLCGGSIIGNQWILTAAHCFYGVESPKILRVYSGILNQAEIAEDTSFFGVQEII
IHDQYKMAESGYDIALLKLETTVNYADSQRPISLPSKGDRNVIYTDCWVTGWGYRKLRDKIQNTLQKAKIPLVTNEECQK
RYRGHKITHKMICAGYREGGKDACKGDSGGPLSCKHNEVWHLVGITSWGEGCAQRERPGVYTNVVEYVDWILEKTQAV
;
_entity_poly.pdbx_strand_id   A
#
loop_
_chem_comp.id
_chem_comp.type
_chem_comp.name
_chem_comp.formula
427 non-polymer (R)-1-(4-(4-(HYDROXYMETHYL)-1,3,2-DIOXABOROLAN-2-YL)PHENYL)GUANIDINE 'C10 H14 B N3 O3'
SO4 non-polymer 'SULFATE ION' 'O4 S -2'
#
# COMPACT_ATOMS: atom_id res chain seq x y z
N ILE A 1 2.36 11.02 1.13
CA ILE A 1 2.04 11.35 -0.29
C ILE A 1 2.51 12.76 -0.63
N VAL A 2 3.31 12.89 -1.67
CA VAL A 2 3.81 14.19 -2.08
C VAL A 2 2.96 14.72 -3.23
N GLY A 3 2.64 16.00 -3.18
CA GLY A 3 1.85 16.62 -4.24
C GLY A 3 0.41 16.16 -4.35
N GLY A 4 -0.14 15.60 -3.27
CA GLY A 4 -1.52 15.15 -3.31
C GLY A 4 -2.48 16.08 -2.58
N THR A 5 -3.72 15.63 -2.42
CA THR A 5 -4.73 16.44 -1.72
C THR A 5 -5.51 15.58 -0.73
N ALA A 6 -6.23 16.25 0.17
CA ALA A 6 -7.04 15.56 1.17
C ALA A 6 -8.08 14.66 0.51
N SER A 7 -8.21 13.45 1.03
CA SER A 7 -9.18 12.50 0.50
C SER A 7 -10.55 12.79 1.11
N VAL A 8 -11.60 12.33 0.41
CA VAL A 8 -12.96 12.49 0.91
C VAL A 8 -13.18 11.28 1.81
N ARG A 9 -13.87 11.46 2.93
CA ARG A 9 -14.13 10.36 3.84
C ARG A 9 -14.84 9.23 3.10
N GLY A 10 -14.33 8.01 3.25
CA GLY A 10 -14.94 6.86 2.59
C GLY A 10 -14.60 6.69 1.12
N GLU A 11 -13.74 7.57 0.62
CA GLU A 11 -13.33 7.53 -0.79
C GLU A 11 -12.44 6.32 -1.11
N TRP A 12 -11.70 5.84 -0.12
CA TRP A 12 -10.82 4.70 -0.31
C TRP A 12 -11.08 3.73 0.84
N PRO A 13 -12.29 3.15 0.88
CA PRO A 13 -12.74 2.21 1.90
C PRO A 13 -11.87 0.98 2.18
N TRP A 14 -10.97 0.65 1.25
CA TRP A 14 -10.10 -0.51 1.46
C TRP A 14 -8.80 -0.12 2.18
N GLN A 15 -8.51 1.18 2.22
CA GLN A 15 -7.32 1.68 2.88
C GLN A 15 -7.36 1.57 4.41
N VAL A 16 -6.34 0.97 5.00
CA VAL A 16 -6.26 0.88 6.45
C VAL A 16 -4.94 1.49 6.90
N THR A 17 -4.90 1.88 8.16
CA THR A 17 -3.69 2.42 8.73
C THR A 17 -3.25 1.39 9.74
N LEU A 18 -2.03 0.89 9.57
CA LEU A 18 -1.45 -0.11 10.45
C LEU A 18 -0.60 0.59 11.49
N HIS A 19 -0.93 0.39 12.76
CA HIS A 19 -0.18 1.00 13.84
C HIS A 19 0.60 -0.04 14.63
N THR A 20 1.66 0.44 15.28
CA THR A 20 2.45 -0.42 16.15
C THR A 20 2.28 0.28 17.50
N THR A 21 2.24 -0.49 18.58
CA THR A 21 2.08 0.11 19.91
C THR A 21 3.42 0.25 20.64
N SER A 22 4.51 -0.10 19.95
CA SER A 22 5.84 -0.03 20.57
C SER A 22 6.79 0.95 19.90
N PRO A 23 7.40 1.85 20.69
CA PRO A 23 7.22 1.96 22.13
C PRO A 23 5.85 2.55 22.48
N THR A 24 5.44 3.58 21.73
CA THR A 24 4.13 4.19 21.94
C THR A 24 3.42 4.08 20.62
N GLN A 25 2.09 4.02 20.65
CA GLN A 25 1.31 3.87 19.45
C GLN A 25 1.63 4.91 18.38
N ARG A 26 1.74 4.45 17.14
CA ARG A 26 2.03 5.34 16.03
C ARG A 26 1.76 4.65 14.71
N HIS A 27 1.49 5.44 13.68
CA HIS A 27 1.24 4.92 12.35
C HIS A 27 2.52 4.26 11.85
N LEU A 28 2.41 3.04 11.32
CA LEU A 28 3.56 2.33 10.81
C LEU A 28 3.55 2.20 9.28
N CYS A 29 2.41 1.74 8.77
CA CYS A 29 2.27 1.50 7.34
C CYS A 29 0.83 1.55 6.87
N GLY A 30 0.65 1.57 5.56
CA GLY A 30 -0.68 1.57 5.00
C GLY A 30 -0.98 0.10 4.70
N GLY A 31 -2.19 -0.17 4.23
CA GLY A 31 -2.58 -1.54 3.91
C GLY A 31 -3.91 -1.53 3.16
N SER A 32 -4.27 -2.66 2.58
CA SER A 32 -5.53 -2.77 1.83
C SER A 32 -6.36 -3.96 2.27
N ILE A 33 -7.65 -3.73 2.50
CA ILE A 33 -8.54 -4.82 2.87
C ILE A 33 -8.83 -5.59 1.58
N ILE A 34 -8.50 -6.88 1.58
CA ILE A 34 -8.78 -7.68 0.40
C ILE A 34 -9.68 -8.85 0.76
N GLY A 35 -9.99 -8.99 2.04
CA GLY A 35 -10.84 -10.08 2.51
C GLY A 35 -11.37 -9.76 3.90
N ASN A 36 -12.42 -10.45 4.34
CA ASN A 36 -13.01 -10.15 5.65
C ASN A 36 -12.02 -10.27 6.80
N GLN A 37 -10.96 -11.04 6.61
CA GLN A 37 -9.97 -11.23 7.67
C GLN A 37 -8.56 -11.02 7.13
N TRP A 38 -8.44 -10.36 5.97
CA TRP A 38 -7.13 -10.18 5.36
C TRP A 38 -6.75 -8.79 4.89
N ILE A 39 -5.56 -8.36 5.30
CA ILE A 39 -5.02 -7.07 4.89
C ILE A 39 -3.80 -7.36 4.01
N LEU A 40 -3.70 -6.72 2.84
CA LEU A 40 -2.53 -6.92 1.99
C LEU A 40 -1.64 -5.70 2.20
N THR A 41 -0.37 -5.92 2.48
CA THR A 41 0.53 -4.81 2.73
C THR A 41 1.96 -5.14 2.29
N ALA A 42 2.92 -4.31 2.67
CA ALA A 42 4.33 -4.53 2.30
C ALA A 42 5.13 -5.27 3.36
N ALA A 43 5.91 -6.25 2.93
CA ALA A 43 6.73 -7.05 3.82
C ALA A 43 7.75 -6.23 4.63
N HIS A 44 8.44 -5.31 3.97
CA HIS A 44 9.49 -4.56 4.64
C HIS A 44 8.89 -3.67 5.75
N CYS A 45 7.57 -3.68 5.86
CA CYS A 45 6.89 -2.88 6.86
C CYS A 45 7.05 -3.49 8.25
N PHE A 46 7.48 -4.74 8.31
CA PHE A 46 7.62 -5.44 9.58
C PHE A 46 9.04 -5.62 10.02
N TYR A 47 9.90 -4.69 9.63
CA TYR A 47 11.29 -4.77 10.01
C TYR A 47 11.45 -4.41 11.51
N GLY A 48 11.96 -5.35 12.28
CA GLY A 48 12.13 -5.13 13.71
C GLY A 48 10.87 -5.51 14.47
N VAL A 49 9.91 -6.09 13.77
CA VAL A 49 8.64 -6.50 14.37
C VAL A 49 8.70 -7.99 14.77
N GLU A 50 8.90 -8.26 16.05
CA GLU A 50 9.00 -9.65 16.50
C GLU A 50 7.69 -10.37 16.76
N SER A 51 6.61 -9.62 16.96
CA SER A 51 5.33 -10.23 17.24
C SER A 51 4.16 -9.44 16.69
N PRO A 52 3.10 -10.14 16.28
CA PRO A 52 1.94 -9.43 15.74
C PRO A 52 1.15 -8.76 16.86
N LYS A 53 1.47 -9.10 18.10
CA LYS A 53 0.78 -8.54 19.26
C LYS A 53 0.86 -7.03 19.39
N ILE A 54 1.91 -6.43 18.85
CA ILE A 54 2.07 -4.99 18.95
C ILE A 54 1.40 -4.24 17.80
N LEU A 55 0.78 -4.98 16.89
CA LEU A 55 0.10 -4.37 15.74
C LEU A 55 -1.39 -4.12 15.98
N ARG A 56 -1.90 -3.06 15.35
CA ARG A 56 -3.32 -2.68 15.43
C ARG A 56 -3.72 -2.15 14.07
N VAL A 57 -4.74 -2.74 13.48
CA VAL A 57 -5.21 -2.29 12.18
C VAL A 57 -6.48 -1.49 12.35
N TYR A 58 -6.49 -0.28 11.80
CA TYR A 58 -7.67 0.57 11.89
C TYR A 58 -8.27 0.77 10.50
N SER A 59 -9.56 0.48 10.36
CA SER A 59 -10.24 0.66 9.09
C SER A 59 -11.25 1.81 9.22
N GLY A 60 -11.72 2.31 8.10
CA GLY A 60 -12.68 3.40 8.11
C GLY A 60 -12.12 4.67 8.72
N ILE A 61 -10.83 4.92 8.51
CA ILE A 61 -10.20 6.12 9.05
C ILE A 61 -9.88 7.14 7.97
N LEU A 62 -10.16 8.41 8.24
CA LEU A 62 -9.83 9.48 7.32
C LEU A 62 -8.69 10.26 7.98
N ASN A 63 -8.92 10.71 9.20
CA ASN A 63 -7.94 11.46 9.96
C ASN A 63 -7.35 10.63 11.09
N GLN A 64 -6.03 10.70 11.26
CA GLN A 64 -5.36 9.96 12.32
C GLN A 64 -5.91 10.42 13.66
N ALA A 65 -6.41 11.65 13.71
CA ALA A 65 -6.96 12.20 14.94
C ALA A 65 -8.13 11.35 15.46
N GLU A 66 -8.80 10.66 14.55
CA GLU A 66 -9.93 9.81 14.93
C GLU A 66 -9.49 8.66 15.80
N ILE A 67 -8.20 8.34 15.77
CA ILE A 67 -7.68 7.23 16.55
C ILE A 67 -7.25 7.63 17.96
N ALA A 68 -7.98 7.12 18.94
CA ALA A 68 -7.70 7.40 20.34
C ALA A 68 -7.64 6.08 21.09
N GLU A 69 -7.38 6.15 22.39
CA GLU A 69 -7.30 4.94 23.19
C GLU A 69 -8.62 4.18 23.19
N ASP A 70 -9.74 4.88 23.04
CA ASP A 70 -11.05 4.22 23.03
C ASP A 70 -11.55 3.84 21.64
N THR A 71 -10.68 3.94 20.64
CA THR A 71 -11.07 3.59 19.28
C THR A 71 -10.90 2.09 19.03
N SER A 72 -11.91 1.47 18.43
CA SER A 72 -11.86 0.04 18.14
C SER A 72 -10.90 -0.23 16.99
N PHE A 73 -10.23 -1.39 17.05
CA PHE A 73 -9.26 -1.76 16.02
C PHE A 73 -9.28 -3.27 15.84
N PHE A 74 -8.57 -3.74 14.82
CA PHE A 74 -8.47 -5.15 14.55
C PHE A 74 -7.10 -5.65 14.98
N GLY A 75 -7.09 -6.73 15.76
CA GLY A 75 -5.83 -7.29 16.19
C GLY A 75 -5.28 -8.12 15.05
N VAL A 76 -3.98 -8.38 15.07
CA VAL A 76 -3.36 -9.18 14.03
C VAL A 76 -3.01 -10.54 14.62
N GLN A 77 -3.55 -11.58 14.01
CA GLN A 77 -3.33 -12.95 14.47
C GLN A 77 -2.06 -13.53 13.87
N GLU A 78 -1.77 -13.14 12.64
CA GLU A 78 -0.58 -13.65 11.98
C GLU A 78 -0.06 -12.73 10.88
N ILE A 79 1.25 -12.65 10.80
CA ILE A 79 1.93 -11.86 9.79
C ILE A 79 2.52 -12.87 8.83
N ILE A 80 2.12 -12.81 7.57
CA ILE A 80 2.64 -13.73 6.57
C ILE A 80 3.48 -12.97 5.57
N ILE A 81 4.78 -13.23 5.59
CA ILE A 81 5.71 -12.57 4.69
C ILE A 81 6.17 -13.55 3.61
N HIS A 82 6.22 -13.08 2.36
CA HIS A 82 6.66 -13.92 1.26
C HIS A 82 8.04 -14.49 1.61
N ASP A 83 8.17 -15.81 1.51
CA ASP A 83 9.43 -16.49 1.85
C ASP A 83 10.61 -16.07 0.99
N GLN A 84 10.33 -15.44 -0.13
CA GLN A 84 11.39 -14.98 -1.03
C GLN A 84 11.77 -13.52 -0.78
N TYR A 85 11.09 -12.89 0.16
CA TYR A 85 11.38 -11.50 0.47
C TYR A 85 12.67 -11.33 1.27
N LYS A 86 13.48 -10.35 0.88
CA LYS A 86 14.72 -10.04 1.58
C LYS A 86 14.70 -8.54 1.87
N MET A 87 14.32 -7.75 0.88
CA MET A 87 14.23 -6.30 1.03
C MET A 87 13.40 -5.66 -0.09
N ALA A 88 12.78 -4.53 0.21
CA ALA A 88 11.93 -3.83 -0.75
C ALA A 88 12.51 -3.73 -2.15
N GLU A 89 13.73 -3.19 -2.25
CA GLU A 89 14.37 -3.00 -3.54
C GLU A 89 14.64 -4.25 -4.36
N SER A 90 14.62 -5.42 -3.72
CA SER A 90 14.83 -6.67 -4.44
C SER A 90 13.54 -7.34 -4.88
N GLY A 91 12.41 -6.77 -4.47
CA GLY A 91 11.13 -7.35 -4.86
C GLY A 91 10.48 -8.18 -3.77
N TYR A 92 9.42 -8.89 -4.15
CA TYR A 92 8.67 -9.73 -3.22
C TYR A 92 8.25 -8.97 -1.97
N ASP A 93 8.10 -7.65 -2.08
CA ASP A 93 7.72 -6.82 -0.95
C ASP A 93 6.22 -6.93 -0.78
N ILE A 94 5.78 -8.06 -0.22
CA ILE A 94 4.36 -8.29 -0.04
C ILE A 94 4.15 -9.13 1.20
N ALA A 95 3.08 -8.83 1.92
CA ALA A 95 2.79 -9.54 3.15
C ALA A 95 1.29 -9.55 3.42
N LEU A 96 0.83 -10.59 4.11
CA LEU A 96 -0.57 -10.70 4.47
C LEU A 96 -0.70 -10.62 5.98
N LEU A 97 -1.73 -9.93 6.45
CA LEU A 97 -2.00 -9.83 7.87
C LEU A 97 -3.35 -10.54 8.07
N LYS A 98 -3.33 -11.58 8.89
CA LYS A 98 -4.57 -12.31 9.17
C LYS A 98 -5.09 -11.68 10.46
N LEU A 99 -6.26 -11.06 10.38
CA LEU A 99 -6.86 -10.39 11.52
C LEU A 99 -7.47 -11.38 12.52
N GLU A 100 -7.47 -10.99 13.78
CA GLU A 100 -8.02 -11.82 14.85
C GLU A 100 -9.54 -11.92 14.76
N THR A 101 -10.15 -10.93 14.12
CA THR A 101 -11.60 -10.91 13.95
C THR A 101 -11.93 -10.45 12.54
N THR A 102 -13.16 -10.74 12.09
CA THR A 102 -13.58 -10.37 10.75
C THR A 102 -14.10 -8.93 10.65
N VAL A 103 -13.82 -8.30 9.52
CA VAL A 103 -14.25 -6.94 9.27
C VAL A 103 -15.70 -6.95 8.77
N ASN A 104 -16.56 -6.14 9.39
CA ASN A 104 -17.95 -6.05 8.92
C ASN A 104 -17.99 -4.97 7.87
N TYR A 105 -18.14 -5.37 6.61
CA TYR A 105 -18.17 -4.41 5.52
C TYR A 105 -19.28 -3.36 5.65
N ALA A 106 -18.97 -2.17 5.15
CA ALA A 106 -19.89 -1.03 5.17
C ALA A 106 -19.32 -0.01 4.20
N ASP A 107 -20.03 1.10 4.00
CA ASP A 107 -19.54 2.13 3.08
C ASP A 107 -18.20 2.71 3.52
N SER A 108 -17.88 2.58 4.80
CA SER A 108 -16.62 3.11 5.32
C SER A 108 -15.48 2.10 5.27
N GLN A 109 -15.80 0.82 5.09
CA GLN A 109 -14.76 -0.20 5.06
C GLN A 109 -15.21 -1.43 4.27
N ARG A 110 -14.60 -1.62 3.10
CA ARG A 110 -14.92 -2.75 2.25
C ARG A 110 -13.67 -3.13 1.48
N PRO A 111 -13.62 -4.34 0.93
CA PRO A 111 -12.45 -4.82 0.18
C PRO A 111 -12.29 -4.28 -1.24
N ILE A 112 -11.05 -4.30 -1.71
CA ILE A 112 -10.75 -3.87 -3.07
C ILE A 112 -10.45 -5.15 -3.84
N SER A 113 -10.95 -5.23 -5.07
CA SER A 113 -10.74 -6.41 -5.90
C SER A 113 -9.30 -6.56 -6.37
N LEU A 114 -8.81 -7.79 -6.33
CA LEU A 114 -7.45 -8.07 -6.79
C LEU A 114 -7.52 -8.10 -8.32
N PRO A 115 -6.41 -7.74 -8.99
CA PRO A 115 -6.41 -7.75 -10.46
C PRO A 115 -6.44 -9.19 -10.95
N SER A 116 -6.88 -9.39 -12.19
CA SER A 116 -6.92 -10.74 -12.73
C SER A 116 -5.79 -10.88 -13.74
N LYS A 117 -5.32 -12.11 -13.93
CA LYS A 117 -4.24 -12.38 -14.87
C LYS A 117 -4.62 -11.83 -16.25
N GLY A 118 -5.90 -11.92 -16.57
CA GLY A 118 -6.39 -11.42 -17.85
C GLY A 118 -6.61 -9.93 -17.79
N ASP A 119 -5.64 -9.22 -17.21
CA ASP A 119 -5.71 -7.77 -17.07
C ASP A 119 -4.34 -7.13 -17.14
N ARG A 120 -3.34 -7.94 -17.45
CA ARG A 120 -1.99 -7.43 -17.58
C ARG A 120 -1.85 -6.65 -18.86
N ASN A 121 -2.80 -6.85 -19.78
CA ASN A 121 -2.78 -6.13 -21.05
C ASN A 121 -3.69 -4.92 -20.92
N VAL A 122 -4.39 -4.83 -19.79
CA VAL A 122 -5.29 -3.72 -19.54
C VAL A 122 -4.52 -2.44 -19.27
N ILE A 123 -4.92 -1.36 -19.92
CA ILE A 123 -4.26 -0.07 -19.77
C ILE A 123 -4.96 0.78 -18.71
N TYR A 124 -4.38 0.84 -17.53
CA TYR A 124 -4.93 1.63 -16.45
C TYR A 124 -4.57 3.09 -16.66
N THR A 125 -5.59 3.90 -16.93
CA THR A 125 -5.38 5.32 -17.15
C THR A 125 -5.88 6.17 -15.99
N ASP A 126 -6.37 5.51 -14.94
CA ASP A 126 -6.89 6.23 -13.78
C ASP A 126 -6.43 5.57 -12.49
N CYS A 127 -5.17 5.78 -12.15
CA CYS A 127 -4.58 5.19 -10.95
C CYS A 127 -4.25 6.22 -9.89
N TRP A 128 -4.47 5.84 -8.64
CA TRP A 128 -4.20 6.74 -7.52
C TRP A 128 -3.40 6.10 -6.38
N VAL A 129 -2.54 6.87 -5.75
CA VAL A 129 -1.77 6.37 -4.61
C VAL A 129 -2.27 7.15 -3.38
N THR A 130 -2.49 6.43 -2.29
CA THR A 130 -3.01 7.05 -1.07
C THR A 130 -2.26 6.66 0.19
N GLY A 131 -2.39 7.47 1.24
CA GLY A 131 -1.71 7.16 2.48
C GLY A 131 -1.48 8.37 3.35
N TRP A 132 -1.02 8.13 4.58
CA TRP A 132 -0.74 9.21 5.52
C TRP A 132 0.77 9.40 5.61
N GLY A 133 1.47 9.17 4.51
CA GLY A 133 2.91 9.31 4.52
C GLY A 133 3.41 10.74 4.42
N TYR A 134 4.72 10.90 4.32
CA TYR A 134 5.31 12.24 4.23
C TYR A 134 4.87 12.99 2.99
N ARG A 135 4.84 14.31 3.11
CA ARG A 135 4.47 15.15 1.99
C ARG A 135 5.76 15.47 1.28
N LYS A 136 6.87 15.30 1.99
CA LYS A 136 8.20 15.55 1.43
C LYS A 136 9.15 14.50 1.97
N LEU A 137 10.46 14.70 1.80
CA LEU A 137 11.43 13.72 2.27
C LEU A 137 11.60 13.83 3.78
N ARG A 138 11.68 15.06 4.29
CA ARG A 138 11.82 15.27 5.71
C ARG A 138 10.56 15.90 6.26
N ASP A 139 9.63 15.05 6.70
CA ASP A 139 8.36 15.52 7.21
C ASP A 139 7.85 14.67 8.36
N LYS A 140 6.54 14.45 8.38
CA LYS A 140 5.91 13.67 9.43
C LYS A 140 4.63 13.05 8.93
N ILE A 141 4.10 12.08 9.68
CA ILE A 141 2.87 11.41 9.31
C ILE A 141 1.73 12.41 9.28
N GLN A 142 1.07 12.53 8.13
CA GLN A 142 -0.04 13.46 7.95
C GLN A 142 -1.30 12.99 8.66
N ASN A 143 -2.14 13.92 9.07
CA ASN A 143 -3.37 13.58 9.76
C ASN A 143 -4.44 13.08 8.81
N THR A 144 -4.68 13.84 7.76
CA THR A 144 -5.70 13.51 6.77
C THR A 144 -5.17 12.63 5.64
N LEU A 145 -5.89 11.57 5.31
CA LEU A 145 -5.46 10.67 4.25
C LEU A 145 -5.29 11.45 2.94
N GLN A 146 -4.12 11.32 2.33
CA GLN A 146 -3.83 12.02 1.09
C GLN A 146 -3.97 11.12 -0.13
N LYS A 147 -4.29 11.72 -1.26
CA LYS A 147 -4.45 10.98 -2.51
C LYS A 147 -3.75 11.74 -3.63
N ALA A 148 -3.24 11.01 -4.62
CA ALA A 148 -2.59 11.63 -5.73
C ALA A 148 -2.74 10.74 -6.95
N LYS A 149 -3.15 11.33 -8.06
CA LYS A 149 -3.33 10.59 -9.29
C LYS A 149 -1.97 10.51 -9.95
N ILE A 150 -1.56 9.30 -10.33
CA ILE A 150 -0.25 9.12 -10.93
C ILE A 150 -0.29 8.10 -12.06
N PRO A 151 0.31 8.44 -13.21
CA PRO A 151 0.33 7.54 -14.37
C PRO A 151 1.33 6.41 -14.23
N LEU A 152 0.96 5.24 -14.73
CA LEU A 152 1.85 4.10 -14.68
C LEU A 152 2.87 4.30 -15.77
N VAL A 153 4.06 3.72 -15.59
CA VAL A 153 5.12 3.84 -16.60
C VAL A 153 5.55 2.42 -16.92
N THR A 154 5.99 2.20 -18.16
CA THR A 154 6.41 0.87 -18.57
C THR A 154 7.62 0.46 -17.75
N ASN A 155 7.82 -0.84 -17.62
CA ASN A 155 8.96 -1.35 -16.87
C ASN A 155 10.25 -0.96 -17.57
N GLU A 156 10.20 -0.86 -18.89
CA GLU A 156 11.39 -0.49 -19.64
C GLU A 156 11.78 0.93 -19.27
N GLU A 157 10.79 1.81 -19.16
CA GLU A 157 11.04 3.19 -18.81
C GLU A 157 11.54 3.27 -17.37
N CYS A 158 10.92 2.50 -16.49
CA CYS A 158 11.30 2.48 -15.08
C CYS A 158 12.74 2.06 -14.89
N GLN A 159 13.13 1.01 -15.63
CA GLN A 159 14.50 0.50 -15.54
C GLN A 159 15.50 1.59 -15.91
N LYS A 160 15.13 2.43 -16.88
CA LYS A 160 16.01 3.53 -17.31
C LYS A 160 16.23 4.51 -16.19
N ARG A 161 15.23 4.68 -15.33
CA ARG A 161 15.33 5.62 -14.22
C ARG A 161 16.02 5.03 -13.01
N TYR A 162 16.21 3.71 -13.01
CA TYR A 162 16.85 3.06 -11.89
C TYR A 162 18.05 2.18 -12.23
N ARG A 163 19.08 2.81 -12.79
CA ARG A 163 20.30 2.08 -13.14
C ARG A 163 20.87 1.64 -11.80
N GLY A 164 21.49 0.47 -11.77
CA GLY A 164 22.04 0.00 -10.51
C GLY A 164 21.00 -0.86 -9.82
N HIS A 165 19.77 -0.80 -10.31
CA HIS A 165 18.68 -1.60 -9.76
C HIS A 165 18.12 -2.52 -10.83
N LYS A 166 17.47 -3.59 -10.40
CA LYS A 166 16.86 -4.53 -11.32
C LYS A 166 15.35 -4.41 -11.18
N ILE A 167 14.71 -3.71 -12.11
CA ILE A 167 13.26 -3.56 -12.05
C ILE A 167 12.67 -4.78 -12.76
N THR A 168 12.15 -5.73 -12.00
CA THR A 168 11.58 -6.95 -12.56
C THR A 168 10.11 -6.80 -12.92
N HIS A 169 9.57 -7.81 -13.60
CA HIS A 169 8.15 -7.79 -13.98
C HIS A 169 7.27 -7.96 -12.75
N LYS A 170 7.89 -8.23 -11.60
CA LYS A 170 7.11 -8.39 -10.38
C LYS A 170 6.98 -7.05 -9.67
N MET A 171 7.42 -6.00 -10.36
CA MET A 171 7.33 -4.64 -9.86
C MET A 171 6.59 -3.83 -10.92
N ILE A 172 6.06 -2.69 -10.50
CA ILE A 172 5.36 -1.80 -11.42
C ILE A 172 5.62 -0.39 -10.91
N CYS A 173 5.99 0.51 -11.81
CA CYS A 173 6.28 1.88 -11.41
C CYS A 173 5.25 2.89 -11.87
N ALA A 174 5.22 4.02 -11.18
CA ALA A 174 4.27 5.08 -11.51
C ALA A 174 4.80 6.42 -11.06
N GLY A 175 4.68 7.43 -11.93
CA GLY A 175 5.14 8.75 -11.57
C GLY A 175 5.22 9.67 -12.77
N TYR A 176 5.51 10.94 -12.52
CA TYR A 176 5.62 11.92 -13.59
C TYR A 176 7.08 12.13 -13.97
N ARG A 177 7.32 12.21 -15.26
CA ARG A 177 8.65 12.40 -15.79
C ARG A 177 9.30 13.60 -15.10
N GLU A 178 8.47 14.53 -14.64
CA GLU A 178 8.96 15.73 -13.97
C GLU A 178 8.79 15.65 -12.46
N GLY A 179 8.24 14.54 -11.98
CA GLY A 179 8.05 14.38 -10.55
C GLY A 179 6.93 15.26 -10.03
N GLY A 180 6.96 15.59 -8.75
CA GLY A 180 5.93 16.42 -8.16
C GLY A 180 4.91 15.60 -7.37
N LYS A 181 4.55 14.44 -7.90
CA LYS A 181 3.58 13.59 -7.21
C LYS A 181 4.16 12.20 -7.02
N ASP A 182 4.08 11.68 -5.80
CA ASP A 182 4.61 10.36 -5.50
C ASP A 182 4.38 9.94 -4.05
N ALA A 183 4.56 8.65 -3.78
CA ALA A 183 4.41 8.15 -2.41
C ALA A 183 5.68 8.50 -1.65
N CYS A 184 5.60 8.49 -0.31
CA CYS A 184 6.78 8.79 0.50
C CYS A 184 6.74 8.00 1.82
N LYS A 185 7.71 8.25 2.69
CA LYS A 185 7.77 7.53 3.96
C LYS A 185 6.46 7.55 4.73
N GLY A 186 5.94 6.35 5.02
CA GLY A 186 4.68 6.26 5.73
C GLY A 186 3.58 5.72 4.85
N ASP A 187 3.79 5.79 3.54
CA ASP A 187 2.80 5.29 2.60
C ASP A 187 3.00 3.84 2.25
N SER A 188 4.12 3.29 2.72
CA SER A 188 4.47 1.89 2.45
C SER A 188 3.30 0.97 2.77
N GLY A 189 3.14 -0.05 1.95
CA GLY A 189 2.08 -1.01 2.19
C GLY A 189 0.77 -0.50 1.66
N GLY A 190 0.73 0.77 1.29
CA GLY A 190 -0.49 1.36 0.76
C GLY A 190 -0.84 0.80 -0.60
N PRO A 191 -2.09 0.94 -1.00
CA PRO A 191 -2.57 0.43 -2.29
C PRO A 191 -2.34 1.41 -3.42
N LEU A 192 -2.20 0.88 -4.63
CA LEU A 192 -2.06 1.71 -5.80
C LEU A 192 -3.31 1.35 -6.60
N SER A 193 -4.43 1.92 -6.19
CA SER A 193 -5.72 1.67 -6.83
C SER A 193 -5.87 2.22 -8.25
N CYS A 194 -6.37 1.39 -9.15
CA CYS A 194 -6.55 1.84 -10.51
C CYS A 194 -7.99 1.60 -10.92
N LYS A 195 -8.53 2.55 -11.67
CA LYS A 195 -9.91 2.43 -12.09
C LYS A 195 -10.11 2.10 -13.56
N HIS A 196 -10.67 0.93 -13.82
CA HIS A 196 -10.95 0.51 -15.18
C HIS A 196 -12.40 0.11 -15.22
N ASN A 197 -13.11 0.63 -16.21
CA ASN A 197 -14.53 0.33 -16.34
C ASN A 197 -15.21 0.60 -15.03
N GLU A 198 -14.74 1.63 -14.35
CA GLU A 198 -15.29 2.03 -13.06
C GLU A 198 -15.33 0.89 -12.07
N VAL A 199 -14.25 0.11 -12.00
CA VAL A 199 -14.18 -1.01 -11.08
C VAL A 199 -12.78 -1.06 -10.48
N TRP A 200 -12.65 -0.49 -9.29
CA TRP A 200 -11.38 -0.43 -8.58
C TRP A 200 -10.62 -1.74 -8.44
N HIS A 201 -9.34 -1.66 -8.78
CA HIS A 201 -8.47 -2.83 -8.72
C HIS A 201 -7.16 -2.53 -8.02
N LEU A 202 -6.70 -3.48 -7.20
CA LEU A 202 -5.45 -3.29 -6.47
C LEU A 202 -4.28 -3.68 -7.36
N VAL A 203 -3.77 -2.70 -8.11
CA VAL A 203 -2.68 -2.93 -9.04
C VAL A 203 -1.33 -3.05 -8.37
N GLY A 204 -1.06 -2.17 -7.41
CA GLY A 204 0.21 -2.24 -6.72
C GLY A 204 0.20 -1.95 -5.24
N ILE A 205 1.32 -2.25 -4.60
CA ILE A 205 1.51 -1.98 -3.18
C ILE A 205 2.70 -1.03 -3.08
N THR A 206 2.52 0.11 -2.43
CA THR A 206 3.58 1.09 -2.27
C THR A 206 4.79 0.40 -1.62
N SER A 207 5.93 0.45 -2.31
CA SER A 207 7.14 -0.23 -1.84
C SER A 207 8.36 0.66 -1.62
N TRP A 208 8.88 1.26 -2.69
CA TRP A 208 10.07 2.13 -2.56
C TRP A 208 10.26 3.12 -3.69
N GLY A 209 11.33 3.91 -3.55
CA GLY A 209 11.68 4.91 -4.54
C GLY A 209 12.95 5.65 -4.11
N GLU A 210 13.59 6.37 -5.01
CA GLU A 210 14.80 7.12 -4.64
C GLU A 210 14.34 8.50 -4.24
N GLY A 211 14.34 8.77 -2.94
CA GLY A 211 13.86 10.06 -2.48
C GLY A 211 12.35 10.01 -2.67
N CYS A 212 11.72 11.17 -2.80
CA CYS A 212 10.28 11.22 -3.00
C CYS A 212 9.93 12.29 -4.03
N ALA A 213 9.12 11.89 -5.02
CA ALA A 213 8.66 12.80 -6.06
C ALA A 213 9.76 13.52 -6.84
N GLN A 214 10.96 12.95 -6.88
CA GLN A 214 12.03 13.60 -7.62
C GLN A 214 11.79 13.38 -9.12
N ARG A 215 12.30 14.29 -9.94
CA ARG A 215 12.10 14.14 -11.37
C ARG A 215 12.83 12.87 -11.82
N GLU A 216 12.25 12.20 -12.81
CA GLU A 216 12.81 10.97 -13.35
C GLU A 216 13.09 9.86 -12.33
N ARG A 217 12.30 9.82 -11.27
CA ARG A 217 12.42 8.78 -10.25
C ARG A 217 11.01 8.30 -9.87
N PRO A 218 10.43 7.43 -10.70
CA PRO A 218 9.09 6.84 -10.50
C PRO A 218 9.01 6.02 -9.23
N GLY A 219 7.85 6.06 -8.58
CA GLY A 219 7.68 5.26 -7.39
C GLY A 219 7.67 3.81 -7.85
N VAL A 220 8.17 2.92 -7.02
CA VAL A 220 8.21 1.51 -7.36
C VAL A 220 7.22 0.76 -6.48
N TYR A 221 6.35 -0.02 -7.11
CA TYR A 221 5.33 -0.77 -6.40
C TYR A 221 5.38 -2.28 -6.68
N THR A 222 4.84 -3.06 -5.74
CA THR A 222 4.78 -4.50 -5.93
C THR A 222 3.68 -4.72 -6.97
N ASN A 223 3.98 -5.49 -8.00
CA ASN A 223 3.02 -5.76 -9.07
C ASN A 223 2.11 -6.87 -8.56
N VAL A 224 1.03 -6.47 -7.91
CA VAL A 224 0.08 -7.40 -7.30
C VAL A 224 -0.39 -8.58 -8.16
N VAL A 225 -0.74 -8.33 -9.42
CA VAL A 225 -1.20 -9.40 -10.28
C VAL A 225 -0.25 -10.60 -10.30
N GLU A 226 1.04 -10.33 -10.10
CA GLU A 226 2.03 -11.41 -10.10
C GLU A 226 1.99 -12.26 -8.84
N TYR A 227 1.16 -11.87 -7.88
CA TYR A 227 1.07 -12.59 -6.62
C TYR A 227 -0.32 -13.12 -6.28
N VAL A 228 -1.24 -13.13 -7.24
CA VAL A 228 -2.59 -13.63 -6.95
C VAL A 228 -2.56 -15.11 -6.56
N ASP A 229 -1.69 -15.88 -7.20
CA ASP A 229 -1.58 -17.29 -6.85
C ASP A 229 -1.04 -17.42 -5.42
N TRP A 230 -0.03 -16.61 -5.10
CA TRP A 230 0.56 -16.64 -3.76
C TRP A 230 -0.49 -16.27 -2.72
N ILE A 231 -1.24 -15.22 -3.01
CA ILE A 231 -2.28 -14.74 -2.10
C ILE A 231 -3.34 -15.81 -1.85
N LEU A 232 -3.78 -16.46 -2.91
CA LEU A 232 -4.80 -17.50 -2.80
C LEU A 232 -4.29 -18.66 -1.93
N GLU A 233 -3.05 -19.08 -2.17
CA GLU A 233 -2.47 -20.18 -1.41
C GLU A 233 -2.27 -19.87 0.08
N LYS A 234 -1.91 -18.62 0.38
CA LYS A 234 -1.67 -18.23 1.76
C LYS A 234 -2.95 -17.92 2.53
N THR A 235 -4.01 -17.58 1.80
CA THR A 235 -5.28 -17.24 2.43
C THR A 235 -6.21 -18.44 2.63
N GLN A 236 -5.93 -19.54 1.92
CA GLN A 236 -6.75 -20.74 2.04
C GLN A 236 -6.34 -21.59 3.24
N ALA A 237 -7.34 -22.14 3.92
CA ALA A 237 -7.11 -22.98 5.09
C ALA A 237 -6.88 -24.44 4.69
S SO4 B . 13.20 10.64 9.08
O1 SO4 B . 14.26 11.39 8.39
O2 SO4 B . 13.84 9.71 10.03
O3 SO4 B . 12.42 9.91 8.06
O4 SO4 B . 12.34 11.58 9.81
S SO4 C . -8.98 -18.67 13.05
O1 SO4 C . -8.35 -19.88 12.50
O2 SO4 C . -10.32 -18.98 13.57
O3 SO4 C . -8.14 -18.16 14.15
O4 SO4 C . -9.10 -17.64 12.00
S SO4 D . 5.08 -17.39 -5.75
O1 SO4 D . 6.21 -17.72 -6.62
O2 SO4 D . 5.23 -18.17 -4.50
O3 SO4 D . 3.81 -17.76 -6.41
O4 SO4 D . 5.12 -15.95 -5.47
C01 427 E . 8.35 5.27 -0.49
C02 427 E . 8.89 5.73 0.77
C03 427 E . 8.64 5.02 1.98
C04 427 E . 7.85 3.83 1.96
C05 427 E . 7.31 3.37 0.72
C06 427 E . 7.56 4.09 -0.49
N07 427 E . 8.60 6.01 -1.67
C08 427 E . 9.70 6.90 -1.86
B 427 E . 7.57 3.05 3.24
O10 427 E . 8.78 2.63 3.89
C11 427 E . 8.66 2.88 5.27
C12 427 E . 7.22 3.29 5.49
O13 427 E . 6.84 3.82 4.22
C14 427 E . 9.10 1.61 6.05
O15 427 E . 8.50 1.54 7.33
N16 427 E . 10.83 6.85 -1.21
N17 427 E . 9.54 7.90 -2.85
#